data_7RL3
#
_entry.id   7RL3
#
_cell.length_a   36.711
_cell.length_b   53.095
_cell.length_c   41.637
_cell.angle_alpha   90.000
_cell.angle_beta   107.920
_cell.angle_gamma   90.000
#
_symmetry.space_group_name_H-M   'P 1 21 1'
#
loop_
_entity.id
_entity.type
_entity.pdbx_description
1 polymer 'Serine/threonine-protein kinase PLK4'
2 water water
#
_entity_poly.entity_id   1
_entity_poly.type   'polypeptide(L)'
_entity_poly.pdbx_seq_one_letter_code
;GSHMQNIPIKRINVPEIGIATELSHGVVQVQFYDGSVVSVIPSMQGGGITYTQPNGTSTHFGKGDDLPFPVRDRVGQIPN
IQLKLKTAPLLGS
;
_entity_poly.pdbx_strand_id   A,B
#
# COMPACT_ATOMS: atom_id res chain seq x y z
N PRO A 8 1.98 4.86 -13.65
CA PRO A 8 2.33 6.28 -13.44
C PRO A 8 1.74 7.19 -14.53
N ILE A 9 0.83 8.06 -14.14
CA ILE A 9 0.19 8.96 -15.10
C ILE A 9 0.90 10.30 -15.10
N LYS A 10 1.26 10.76 -13.90
CA LYS A 10 2.00 12.03 -13.81
C LYS A 10 3.04 11.91 -12.73
N ARG A 11 4.11 12.70 -12.81
CA ARG A 11 5.12 12.68 -11.77
C ARG A 11 5.80 14.04 -11.71
N ILE A 12 5.97 14.57 -10.50
CA ILE A 12 6.60 15.89 -10.35
C ILE A 12 7.45 15.92 -9.12
N ASN A 13 8.61 16.53 -9.25
CA ASN A 13 9.51 16.73 -8.15
C ASN A 13 9.14 18.02 -7.47
N VAL A 14 9.01 17.97 -6.15
CA VAL A 14 8.64 19.15 -5.38
C VAL A 14 9.73 19.39 -4.34
N PRO A 15 10.62 20.36 -4.62
CA PRO A 15 11.75 20.67 -3.74
C PRO A 15 11.34 20.82 -2.28
N GLU A 16 12.20 20.24 -1.45
CA GLU A 16 12.06 20.14 0.02
C GLU A 16 11.06 19.08 0.44
N ILE A 17 10.09 18.77 -0.43
CA ILE A 17 8.96 17.90 -0.02
C ILE A 17 9.23 16.48 -0.51
N GLY A 18 9.25 16.29 -1.82
CA GLY A 18 9.45 14.94 -2.34
C GLY A 18 9.09 14.79 -3.79
N ILE A 19 8.91 13.54 -4.20
CA ILE A 19 8.56 13.23 -5.59
C ILE A 19 7.15 12.69 -5.51
N ALA A 20 6.23 13.35 -6.22
CA ALA A 20 4.80 12.99 -6.20
C ALA A 20 4.46 12.33 -7.52
N THR A 21 3.74 11.22 -7.42
CA THR A 21 3.35 10.47 -8.59
C THR A 21 1.85 10.25 -8.52
N GLU A 22 1.16 10.50 -9.63
CA GLU A 22 -0.22 10.12 -9.77
C GLU A 22 -0.27 8.82 -10.57
N LEU A 23 -0.97 7.81 -10.00
CA LEU A 23 -1.06 6.50 -10.60
C LEU A 23 -2.42 6.31 -11.26
N SER A 24 -2.47 5.42 -12.24
CA SER A 24 -3.71 5.16 -12.96
C SER A 24 -4.88 4.83 -12.04
N HIS A 25 -4.63 4.08 -10.96
CA HIS A 25 -5.76 3.60 -10.18
C HIS A 25 -6.40 4.71 -9.33
N GLY A 26 -5.86 5.93 -9.41
CA GLY A 26 -6.41 7.07 -8.68
C GLY A 26 -5.63 7.32 -7.38
N VAL A 27 -4.48 6.68 -7.26
CA VAL A 27 -3.65 6.80 -6.08
C VAL A 27 -2.66 7.93 -6.28
N VAL A 28 -2.46 8.75 -5.25
CA VAL A 28 -1.40 9.75 -5.27
C VAL A 28 -0.39 9.26 -4.25
N GLN A 29 0.86 9.14 -4.68
CA GLN A 29 1.96 8.65 -3.86
C GLN A 29 2.99 9.77 -3.73
N VAL A 30 3.51 9.99 -2.53
CA VAL A 30 4.60 10.95 -2.36
C VAL A 30 5.76 10.23 -1.71
N GLN A 31 6.89 10.22 -2.40
CA GLN A 31 8.14 9.71 -1.86
C GLN A 31 8.85 10.90 -1.27
N PHE A 32 8.78 11.05 0.05
CA PHE A 32 9.47 12.16 0.74
C PHE A 32 10.99 12.03 0.72
N TYR A 33 11.68 13.16 0.90
CA TYR A 33 13.14 13.16 0.82
C TYR A 33 13.85 12.53 2.02
N ASP A 34 13.10 12.26 3.09
CA ASP A 34 13.62 11.47 4.20
C ASP A 34 13.49 9.96 3.98
N GLY A 35 12.96 9.54 2.84
CA GLY A 35 12.84 8.12 2.60
C GLY A 35 11.47 7.55 2.94
N SER A 36 10.66 8.30 3.66
CA SER A 36 9.28 7.89 3.94
C SER A 36 8.42 8.00 2.69
N VAL A 37 7.29 7.30 2.69
CA VAL A 37 6.34 7.34 1.56
C VAL A 37 4.93 7.41 2.09
N VAL A 38 4.07 8.21 1.45
CA VAL A 38 2.64 8.12 1.79
C VAL A 38 1.87 7.95 0.49
N SER A 39 0.81 7.14 0.54
CA SER A 39 -0.07 6.91 -0.58
C SER A 39 -1.54 7.00 -0.13
N VAL A 40 -2.33 7.73 -0.92
CA VAL A 40 -3.75 7.92 -0.62
C VAL A 40 -4.59 7.85 -1.89
N ILE A 41 -5.91 7.73 -1.74
CA ILE A 41 -6.82 7.72 -2.86
C ILE A 41 -7.76 8.95 -2.70
N PRO A 42 -7.35 10.11 -3.24
CA PRO A 42 -8.13 11.31 -2.89
C PRO A 42 -9.60 11.31 -3.38
N SER A 43 -9.92 10.63 -4.48
CA SER A 43 -11.32 10.67 -4.94
C SER A 43 -12.25 9.76 -4.12
N MET A 44 -11.66 8.91 -3.29
CA MET A 44 -12.44 7.89 -2.60
C MET A 44 -12.68 8.20 -1.12
N GLN A 45 -13.96 8.33 -0.79
CA GLN A 45 -14.40 8.60 0.57
C GLN A 45 -14.06 7.47 1.55
N GLY A 46 -13.81 6.26 1.06
CA GLY A 46 -13.48 5.16 1.95
C GLY A 46 -12.09 4.56 1.78
N GLY A 47 -11.21 5.32 1.11
CA GLY A 47 -9.98 4.81 0.56
C GLY A 47 -8.93 4.18 1.46
N GLY A 48 -8.51 4.90 2.47
CA GLY A 48 -7.44 4.37 3.29
C GLY A 48 -6.12 4.99 2.87
N ILE A 49 -5.11 4.79 3.70
CA ILE A 49 -3.81 5.44 3.57
C ILE A 49 -2.74 4.36 3.73
N THR A 50 -1.73 4.35 2.87
CA THR A 50 -0.58 3.53 3.18
C THR A 50 0.65 4.41 3.53
N TYR A 51 1.40 4.03 4.55
CA TYR A 51 2.54 4.82 4.98
C TYR A 51 3.74 3.94 5.19
N THR A 52 4.86 4.32 4.62
CA THR A 52 6.09 3.54 4.79
C THR A 52 7.09 4.44 5.48
N GLN A 53 7.65 3.94 6.58
CA GLN A 53 8.65 4.66 7.36
C GLN A 53 9.94 4.68 6.60
N PRO A 54 10.85 5.61 6.97
CA PRO A 54 12.15 5.61 6.32
C PRO A 54 12.77 4.24 6.41
N ASN A 55 12.57 3.56 7.53
CA ASN A 55 13.23 2.28 7.74
C ASN A 55 12.65 1.12 6.94
N GLY A 56 11.56 1.38 6.19
CA GLY A 56 10.99 0.36 5.33
C GLY A 56 9.74 -0.30 5.87
N THR A 57 9.36 0.02 7.11
CA THR A 57 8.20 -0.61 7.71
C THR A 57 6.98 0.08 7.10
N SER A 58 6.01 -0.67 6.60
CA SER A 58 4.84 -0.08 5.95
C SER A 58 3.57 -0.52 6.68
N THR A 59 2.56 0.35 6.70
CA THR A 59 1.35 0.12 7.47
C THR A 59 0.19 0.66 6.67
N HIS A 60 -0.93 -0.08 6.60
CA HIS A 60 -2.14 0.45 5.97
C HIS A 60 -3.12 0.90 7.05
N PHE A 61 -3.77 2.05 6.82
CA PHE A 61 -4.74 2.58 7.76
C PHE A 61 -6.09 2.66 7.04
N GLY A 62 -7.10 1.98 7.56
CA GLY A 62 -8.43 2.06 6.97
C GLY A 62 -9.09 3.35 7.42
N LYS A 63 -10.09 3.83 6.68
CA LYS A 63 -10.67 5.17 6.94
C LYS A 63 -11.11 5.46 8.39
N GLY A 64 -11.50 4.44 9.14
CA GLY A 64 -11.82 4.69 10.55
C GLY A 64 -10.66 4.72 11.53
N ASP A 65 -9.46 4.32 11.09
CA ASP A 65 -8.36 4.04 12.01
C ASP A 65 -7.77 5.35 12.55
N ASP A 66 -7.29 5.31 13.78
CA ASP A 66 -6.62 6.51 14.30
C ASP A 66 -5.27 6.66 13.60
N LEU A 67 -4.93 7.89 13.20
CA LEU A 67 -3.67 8.13 12.50
C LEU A 67 -2.64 8.72 13.47
N PRO A 68 -1.47 8.09 13.61
CA PRO A 68 -0.46 8.77 14.44
C PRO A 68 0.07 10.03 13.77
N PHE A 69 0.80 10.87 14.52
CA PHE A 69 1.25 12.16 13.98
C PHE A 69 2.01 12.05 12.67
N PRO A 70 3.00 11.13 12.57
CA PRO A 70 3.76 11.17 11.32
C PRO A 70 2.88 10.91 10.08
N VAL A 71 1.82 10.13 10.25
CA VAL A 71 0.91 9.80 9.14
C VAL A 71 0.01 10.96 8.82
N ARG A 72 -0.59 11.53 9.86
CA ARG A 72 -1.42 12.72 9.77
C ARG A 72 -0.68 13.77 9.01
N ASP A 73 0.54 14.02 9.43
CA ASP A 73 1.32 15.14 8.93
C ASP A 73 1.65 14.92 7.47
N ARG A 74 2.03 13.70 7.11
CA ARG A 74 2.31 13.48 5.68
C ARG A 74 1.05 13.51 4.80
N VAL A 75 -0.06 12.95 5.27
CA VAL A 75 -1.29 12.99 4.49
C VAL A 75 -1.74 14.43 4.34
N GLY A 76 -1.38 15.27 5.29
CA GLY A 76 -1.63 16.69 5.13
C GLY A 76 -0.88 17.44 4.03
N GLN A 77 0.14 16.80 3.46
CA GLN A 77 0.93 17.37 2.39
C GLN A 77 0.17 17.20 1.08
N ILE A 78 -0.77 16.26 1.07
CA ILE A 78 -1.38 15.86 -0.19
C ILE A 78 -2.15 16.97 -0.97
N PRO A 79 -2.98 17.80 -0.30
CA PRO A 79 -3.71 18.78 -1.13
C PRO A 79 -2.80 19.75 -1.94
N ASN A 80 -1.74 20.27 -1.33
CA ASN A 80 -0.77 21.11 -2.01
C ASN A 80 -0.11 20.33 -3.13
N ILE A 81 0.22 19.07 -2.84
CA ILE A 81 0.80 18.19 -3.86
C ILE A 81 -0.16 17.94 -5.03
N GLN A 82 -1.45 17.83 -4.77
CA GLN A 82 -2.39 17.64 -5.88
C GLN A 82 -2.44 18.87 -6.77
N LEU A 83 -2.31 20.06 -6.17
CA LEU A 83 -2.33 21.28 -6.97
C LEU A 83 -1.14 21.28 -7.92
N LYS A 84 0.01 20.81 -7.43
CA LYS A 84 1.22 20.79 -8.23
C LYS A 84 1.13 19.74 -9.32
N LEU A 85 0.58 18.57 -9.00
CA LEU A 85 0.37 17.53 -10.03
C LEU A 85 -0.52 18.03 -11.16
N LYS A 86 -1.49 18.90 -10.85
CA LYS A 86 -2.40 19.41 -11.87
C LYS A 86 -1.64 20.15 -12.97
N THR A 87 -0.57 20.83 -12.57
CA THR A 87 0.19 21.69 -13.48
C THR A 87 1.21 20.92 -14.31
N ALA A 88 1.46 19.66 -13.99
CA ALA A 88 2.39 18.84 -14.77
C ALA A 88 1.70 18.22 -15.99
N PRO A 89 2.43 18.08 -17.10
CA PRO A 89 1.82 17.38 -18.24
C PRO A 89 1.79 15.90 -17.99
N LEU A 90 1.09 15.17 -18.84
CA LEU A 90 1.05 13.72 -18.74
C LEU A 90 2.40 13.12 -19.11
N LEU A 91 2.78 12.04 -18.44
CA LEU A 91 3.98 11.33 -18.78
C LEU A 91 3.79 10.84 -20.20
N GLY A 92 4.83 10.97 -21.00
CA GLY A 92 4.78 10.55 -22.40
C GLY A 92 4.34 11.61 -23.40
N SER A 93 3.79 12.71 -22.90
CA SER A 93 3.35 13.77 -23.80
C SER A 93 4.50 14.65 -24.23
N PRO B 8 -14.99 -13.28 -1.16
CA PRO B 8 -14.03 -12.74 -2.14
C PRO B 8 -14.65 -11.65 -3.01
N ILE B 9 -14.26 -10.42 -2.70
CA ILE B 9 -14.93 -9.26 -3.23
C ILE B 9 -14.02 -8.41 -4.07
N LYS B 10 -12.71 -8.54 -3.88
CA LYS B 10 -11.79 -7.85 -4.82
C LYS B 10 -10.71 -8.86 -5.22
N ARG B 11 -10.29 -8.86 -6.48
CA ARG B 11 -9.13 -9.69 -6.87
C ARG B 11 -8.36 -9.02 -7.97
N ILE B 12 -7.05 -8.84 -7.80
CA ILE B 12 -6.22 -8.17 -8.80
C ILE B 12 -4.91 -8.92 -9.06
N ASN B 13 -4.36 -8.75 -10.25
CA ASN B 13 -2.97 -9.15 -10.49
C ASN B 13 -2.04 -8.10 -9.96
N VAL B 14 -0.95 -8.53 -9.31
CA VAL B 14 0.04 -7.56 -8.91
C VAL B 14 1.27 -7.94 -9.67
N PRO B 15 1.57 -7.18 -10.74
CA PRO B 15 2.65 -7.61 -11.63
C PRO B 15 3.96 -7.78 -10.87
N GLU B 16 4.68 -8.84 -11.21
CA GLU B 16 5.96 -9.19 -10.62
C GLU B 16 5.84 -9.79 -9.22
N ILE B 17 4.63 -9.82 -8.66
CA ILE B 17 4.48 -10.33 -7.29
C ILE B 17 3.52 -11.51 -7.25
N GLY B 18 2.31 -11.34 -7.78
CA GLY B 18 1.37 -12.44 -7.66
C GLY B 18 -0.05 -11.96 -7.82
N ILE B 19 -0.97 -12.64 -7.13
CA ILE B 19 -2.38 -12.28 -7.21
C ILE B 19 -2.87 -11.96 -5.81
N ALA B 20 -3.66 -10.89 -5.69
CA ALA B 20 -4.08 -10.47 -4.37
C ALA B 20 -5.61 -10.50 -4.32
N THR B 21 -6.15 -10.94 -3.20
CA THR B 21 -7.57 -11.10 -3.07
C THR B 21 -8.01 -10.49 -1.75
N GLU B 22 -9.11 -9.74 -1.78
CA GLU B 22 -9.74 -9.27 -0.55
C GLU B 22 -11.03 -10.05 -0.39
N LEU B 23 -11.12 -10.74 0.74
CA LEU B 23 -12.28 -11.54 1.10
C LEU B 23 -13.28 -10.67 1.84
N SER B 24 -14.57 -10.99 1.72
CA SER B 24 -15.63 -10.17 2.31
C SER B 24 -15.44 -9.92 3.77
N HIS B 25 -14.99 -10.93 4.53
CA HIS B 25 -14.74 -10.74 5.96
C HIS B 25 -13.53 -9.87 6.37
N GLY B 26 -12.73 -9.39 5.40
CA GLY B 26 -11.68 -8.40 5.69
C GLY B 26 -10.23 -8.84 5.43
N VAL B 27 -10.05 -10.13 5.28
CA VAL B 27 -8.71 -10.73 5.17
C VAL B 27 -8.19 -10.37 3.79
N VAL B 28 -6.92 -10.02 3.71
CA VAL B 28 -6.31 -9.81 2.40
C VAL B 28 -5.27 -10.93 2.18
N GLN B 29 -5.34 -11.59 1.03
CA GLN B 29 -4.46 -12.74 0.79
C GLN B 29 -3.64 -12.45 -0.45
N VAL B 30 -2.34 -12.67 -0.38
CA VAL B 30 -1.54 -12.56 -1.60
C VAL B 30 -0.91 -13.90 -1.89
N GLN B 31 -1.08 -14.39 -3.11
CA GLN B 31 -0.47 -15.64 -3.55
C GLN B 31 0.70 -15.21 -4.43
N PHE B 32 1.90 -15.55 -4.01
CA PHE B 32 3.10 -15.05 -4.67
C PHE B 32 3.44 -15.97 -5.82
N TYR B 33 4.33 -15.49 -6.68
CA TYR B 33 4.67 -16.18 -7.93
C TYR B 33 5.23 -17.58 -7.67
N ASP B 34 5.75 -17.78 -6.44
CA ASP B 34 6.33 -19.07 -6.05
C ASP B 34 5.41 -19.99 -5.30
N GLY B 35 4.12 -19.65 -5.22
CA GLY B 35 3.13 -20.51 -4.59
C GLY B 35 2.97 -20.21 -3.11
N SER B 36 3.73 -19.26 -2.57
CA SER B 36 3.56 -18.89 -1.16
C SER B 36 2.28 -18.12 -1.04
N VAL B 37 1.71 -18.09 0.17
CA VAL B 37 0.52 -17.29 0.40
C VAL B 37 0.72 -16.53 1.71
N VAL B 38 0.43 -15.23 1.71
CA VAL B 38 0.43 -14.46 2.96
C VAL B 38 -0.96 -13.92 3.14
N SER B 39 -1.53 -14.07 4.30
CA SER B 39 -2.85 -13.50 4.56
C SER B 39 -2.75 -12.60 5.74
N VAL B 40 -3.29 -11.39 5.60
CA VAL B 40 -3.32 -10.44 6.70
C VAL B 40 -4.74 -10.46 7.26
N ILE B 41 -4.80 -10.49 8.57
CA ILE B 41 -6.08 -10.67 9.23
C ILE B 41 -6.18 -9.75 10.42
N GLY B 47 -5.38 -9.72 14.10
CA GLY B 47 -5.34 -11.13 13.77
C GLY B 47 -3.98 -11.55 13.23
N GLY B 48 -3.08 -10.59 13.09
CA GLY B 48 -1.73 -10.89 12.65
C GLY B 48 -1.63 -11.31 11.20
N ILE B 49 -0.68 -12.19 10.92
CA ILE B 49 -0.37 -12.64 9.56
C ILE B 49 -0.29 -14.17 9.52
N THR B 50 -0.87 -14.83 8.53
CA THR B 50 -0.65 -16.26 8.34
C THR B 50 0.18 -16.46 7.04
N TYR B 51 1.27 -17.18 7.16
CA TYR B 51 2.27 -17.27 6.09
C TYR B 51 2.41 -18.70 5.70
N THR B 52 2.31 -18.99 4.41
CA THR B 52 2.40 -20.39 3.98
C THR B 52 3.49 -20.45 2.92
N GLN B 53 4.51 -21.24 3.20
CA GLN B 53 5.64 -21.44 2.28
C GLN B 53 5.22 -22.23 1.07
N PRO B 54 6.05 -22.17 0.01
CA PRO B 54 5.73 -22.98 -1.16
C PRO B 54 5.51 -24.45 -0.84
N ASN B 55 6.24 -24.99 0.14
CA ASN B 55 6.09 -26.42 0.43
C ASN B 55 4.84 -26.74 1.28
N GLY B 56 4.07 -25.70 1.63
CA GLY B 56 2.81 -25.92 2.35
C GLY B 56 2.87 -25.71 3.85
N THR B 57 4.04 -25.39 4.39
CA THR B 57 4.14 -25.17 5.83
C THR B 57 3.54 -23.79 6.20
N SER B 58 2.55 -23.77 7.09
CA SER B 58 1.89 -22.51 7.48
C SER B 58 2.27 -22.15 8.89
N THR B 59 2.49 -20.85 9.10
CA THR B 59 2.82 -20.28 10.40
C THR B 59 1.99 -19.03 10.66
N HIS B 60 1.45 -18.91 11.86
CA HIS B 60 0.81 -17.68 12.20
C HIS B 60 1.75 -16.79 13.00
N PHE B 61 1.88 -15.52 12.63
CA PHE B 61 2.70 -14.56 13.35
C PHE B 61 1.79 -13.50 13.88
N GLY B 62 1.75 -13.35 15.20
CA GLY B 62 0.94 -12.31 15.80
C GLY B 62 1.71 -11.22 16.54
N LYS B 63 1.07 -10.64 17.57
CA LYS B 63 1.57 -9.44 18.24
C LYS B 63 3.05 -9.46 18.66
N GLY B 64 3.44 -10.44 19.48
CA GLY B 64 4.80 -10.45 19.99
C GLY B 64 5.80 -11.26 19.17
N ASP B 65 5.46 -11.52 17.90
CA ASP B 65 6.26 -12.41 17.09
C ASP B 65 7.20 -11.64 16.15
N ASP B 66 8.49 -11.89 16.27
CA ASP B 66 9.46 -11.37 15.31
C ASP B 66 9.27 -12.06 13.95
N LEU B 67 9.37 -11.32 12.87
CA LEU B 67 9.22 -11.92 11.54
C LEU B 67 10.57 -12.23 10.94
N PRO B 68 10.72 -13.44 10.37
CA PRO B 68 11.99 -13.65 9.68
C PRO B 68 12.01 -12.73 8.47
N PHE B 69 13.17 -12.17 8.14
CA PHE B 69 13.34 -11.17 7.07
C PHE B 69 12.62 -11.45 5.75
N PRO B 70 12.52 -12.72 5.30
CA PRO B 70 11.78 -12.90 4.04
C PRO B 70 10.28 -12.65 4.21
N VAL B 71 9.74 -13.13 5.34
CA VAL B 71 8.34 -12.87 5.67
C VAL B 71 8.17 -11.38 5.89
N ARG B 72 9.08 -10.78 6.65
CA ARG B 72 9.03 -9.35 6.90
C ARG B 72 9.01 -8.48 5.62
N ASP B 73 9.91 -8.79 4.69
CA ASP B 73 9.96 -8.05 3.42
C ASP B 73 8.66 -8.24 2.64
N ARG B 74 8.16 -9.48 2.60
CA ARG B 74 6.89 -9.76 1.89
C ARG B 74 5.70 -9.05 2.48
N VAL B 75 5.59 -9.07 3.79
CA VAL B 75 4.51 -8.40 4.46
C VAL B 75 4.56 -6.90 4.25
N GLY B 76 5.77 -6.36 4.17
CA GLY B 76 5.98 -4.98 3.80
C GLY B 76 5.38 -4.54 2.49
N GLN B 77 5.03 -5.47 1.61
CA GLN B 77 4.40 -5.13 0.35
C GLN B 77 2.88 -5.05 0.39
N ILE B 78 2.30 -5.61 1.45
CA ILE B 78 0.85 -5.75 1.48
C ILE B 78 0.09 -4.43 1.64
N PRO B 79 0.59 -3.49 2.48
CA PRO B 79 -0.19 -2.25 2.55
C PRO B 79 -0.37 -1.54 1.18
N ASN B 80 0.65 -1.46 0.32
CA ASN B 80 0.42 -0.91 -1.01
C ASN B 80 -0.59 -1.71 -1.84
N ILE B 81 -0.58 -3.01 -1.68
CA ILE B 81 -1.52 -3.86 -2.39
C ILE B 81 -2.96 -3.62 -1.87
N GLN B 82 -3.07 -3.35 -0.59
CA GLN B 82 -4.40 -3.06 0.00
C GLN B 82 -5.03 -1.81 -0.61
N LEU B 83 -4.21 -0.81 -0.92
CA LEU B 83 -4.69 0.38 -1.62
C LEU B 83 -5.11 0.05 -3.03
N LYS B 84 -4.37 -0.81 -3.74
CA LYS B 84 -4.75 -1.15 -5.10
C LYS B 84 -6.07 -1.89 -5.07
N LEU B 85 -6.19 -2.83 -4.14
CA LEU B 85 -7.46 -3.54 -3.98
C LEU B 85 -8.65 -2.57 -3.70
N LYS B 86 -8.44 -1.51 -2.93
CA LYS B 86 -9.52 -0.51 -2.71
C LYS B 86 -10.05 0.03 -4.04
N THR B 87 -9.14 0.36 -4.95
CA THR B 87 -9.56 0.97 -6.21
C THR B 87 -10.18 -0.02 -7.17
N ALA B 88 -9.98 -1.32 -6.94
CA ALA B 88 -10.48 -2.31 -7.87
C ALA B 88 -12.01 -2.48 -7.78
N PRO B 89 -12.62 -2.98 -8.87
CA PRO B 89 -14.06 -3.27 -8.78
C PRO B 89 -14.40 -4.51 -7.96
N LEU B 90 -15.62 -4.52 -7.42
CA LEU B 90 -16.21 -5.73 -6.84
C LEU B 90 -16.23 -6.88 -7.82
N LEU B 91 -16.24 -8.11 -7.29
CA LEU B 91 -16.56 -9.27 -8.12
C LEU B 91 -18.07 -9.51 -8.10
#